data_3QUN
#
_entry.id   3QUN
#
_cell.length_a   85.876
_cell.length_b   85.876
_cell.length_c   80.152
_cell.angle_alpha   90.00
_cell.angle_beta   90.00
_cell.angle_gamma   120.00
#
_symmetry.space_group_name_H-M   'P 32 2 1'
#
loop_
_entity.id
_entity.type
_entity.pdbx_description
1 polymer 'FomA protein'
2 non-polymer "ADENOSINE-5'-TRIPHOSPHATE"
3 non-polymer 'MAGNESIUM ION'
4 non-polymer GLYCEROL
5 water water
#
_entity_poly.entity_id   1
_entity_poly.type   'polypeptide(L)'
_entity_poly.pdbx_seq_one_letter_code
;MGSSHHHHHHSSGLVPRGSHMTPDFLAIKVGGSLFSRKDEPGSLDDDAVTRFARNFARLAETYRGRMVLISGGGAFGHGA
IRDHDSTHAFSLAGLTEATFEVKKRWAEKLRGIGVDAFPLQLAAMCTLRNGIPQLRSEVLRDVLDHGALPVLAGDALFDE
HGKLWAFSSDRVPEVLLPMVEGRLRVVTLTDVDGIVTDGAGGDTILPEVDARSPEQAYAALWGSSEWDATGAMHTKLDAL
VTCARRGAECFIMRGDPGSDLEFLTAPFSSWPAHVRSTRITTTASA
;
_entity_poly.pdbx_strand_id   A
#
# COMPACT_ATOMS: atom_id res chain seq x y z
N SER A 12 -11.58 -19.53 3.84
CA SER A 12 -11.17 -20.65 4.74
C SER A 12 -10.22 -21.66 4.07
N GLY A 13 -10.16 -21.63 2.74
CA GLY A 13 -9.70 -22.76 1.95
C GLY A 13 -8.32 -22.63 1.36
N LEU A 14 -7.94 -23.71 0.67
CA LEU A 14 -6.64 -23.85 0.09
C LEU A 14 -6.48 -22.92 -1.11
N VAL A 15 -5.53 -21.99 -1.04
CA VAL A 15 -5.28 -21.06 -2.12
C VAL A 15 -3.96 -21.46 -2.75
N PRO A 16 -3.94 -21.76 -4.05
CA PRO A 16 -2.69 -22.07 -4.72
C PRO A 16 -1.84 -20.79 -4.76
N ARG A 17 -0.57 -20.88 -4.36
CA ARG A 17 0.30 -19.73 -4.33
C ARG A 17 1.64 -20.08 -4.92
N GLY A 18 2.34 -19.09 -5.43
CA GLY A 18 3.73 -19.31 -5.84
C GLY A 18 4.28 -18.21 -6.68
N SER A 19 5.61 -18.23 -6.84
CA SER A 19 6.27 -17.29 -7.77
C SER A 19 5.80 -17.41 -9.22
N HIS A 20 5.11 -18.51 -9.59
CA HIS A 20 4.62 -18.62 -10.98
C HIS A 20 3.15 -18.32 -11.18
N MET A 21 2.50 -17.85 -10.13
CA MET A 21 1.07 -17.57 -10.15
C MET A 21 0.80 -16.08 -10.27
N THR A 22 -0.29 -15.76 -10.95
CA THR A 22 -0.68 -14.36 -11.16
C THR A 22 -1.44 -13.87 -9.93
N PRO A 23 -1.16 -12.64 -9.45
CA PRO A 23 -1.92 -12.12 -8.34
C PRO A 23 -3.36 -11.86 -8.72
N ASP A 24 -4.25 -12.01 -7.75
CA ASP A 24 -5.66 -11.76 -7.93
C ASP A 24 -6.04 -10.34 -7.54
N PHE A 25 -5.20 -9.69 -6.74
CA PHE A 25 -5.51 -8.35 -6.18
C PHE A 25 -4.20 -7.64 -5.92
N LEU A 26 -4.12 -6.35 -6.29
CA LEU A 26 -2.93 -5.53 -6.07
C LEU A 26 -3.22 -4.39 -5.06
N ALA A 27 -2.44 -4.28 -4.00
CA ALA A 27 -2.47 -3.10 -3.15
C ALA A 27 -1.12 -2.42 -3.37
N ILE A 28 -1.13 -1.25 -3.93
CA ILE A 28 0.07 -0.53 -4.25
C ILE A 28 0.14 0.65 -3.33
N LYS A 29 1.22 0.74 -2.59
CA LYS A 29 1.42 1.86 -1.72
C LYS A 29 2.56 2.72 -2.24
N VAL A 30 2.29 4.02 -2.47
CA VAL A 30 3.34 4.95 -2.95
C VAL A 30 3.83 5.84 -1.80
N GLY A 31 5.12 5.78 -1.50
CA GLY A 31 5.68 6.52 -0.35
C GLY A 31 5.68 8.00 -0.58
N GLY A 32 5.42 8.76 0.46
CA GLY A 32 5.33 10.23 0.35
C GLY A 32 6.62 10.85 -0.16
N SER A 33 7.77 10.26 0.17
CA SER A 33 9.08 10.74 -0.29
C SER A 33 9.20 10.78 -1.81
N LEU A 34 8.41 9.97 -2.51
CA LEU A 34 8.47 9.94 -3.98
C LEU A 34 7.69 11.03 -4.73
N PHE A 35 6.78 11.76 -4.07
CA PHE A 35 6.04 12.78 -4.77
C PHE A 35 5.82 14.05 -3.98
N SER A 36 6.57 14.22 -2.88
CA SER A 36 6.47 15.39 -2.05
C SER A 36 7.84 16.09 -2.03
N ARG A 37 7.77 17.42 -2.05
CA ARG A 37 8.93 18.28 -1.94
C ARG A 37 9.34 18.43 -0.47
N LYS A 38 10.61 18.14 -0.21
CA LYS A 38 11.32 18.68 0.95
C LYS A 38 11.33 20.21 0.82
N ASP A 39 11.90 20.68 -0.30
CA ASP A 39 11.98 22.11 -0.65
C ASP A 39 10.64 22.88 -0.47
N GLU A 40 9.55 22.16 -0.26
CA GLU A 40 8.36 22.74 0.35
C GLU A 40 7.55 21.66 1.07
N PRO A 41 7.66 21.60 2.43
CA PRO A 41 6.79 20.70 3.24
C PRO A 41 5.28 21.00 3.19
N GLY A 42 4.47 19.95 3.01
CA GLY A 42 3.01 20.06 2.82
C GLY A 42 2.62 20.08 1.35
N SER A 43 3.65 20.15 0.51
CA SER A 43 3.51 20.40 -0.90
C SER A 43 3.88 19.16 -1.72
N LEU A 44 2.98 18.78 -2.62
CA LEU A 44 3.20 17.69 -3.56
C LEU A 44 3.91 18.21 -4.80
N ASP A 45 4.63 17.32 -5.47
CA ASP A 45 5.20 17.58 -6.77
C ASP A 45 4.20 17.13 -7.83
N ASP A 46 3.50 18.06 -8.42
CA ASP A 46 2.48 17.71 -9.39
C ASP A 46 3.00 16.90 -10.57
N ASP A 47 4.24 17.18 -11.02
CA ASP A 47 4.80 16.37 -12.09
C ASP A 47 4.86 14.89 -11.68
N ALA A 48 5.40 14.66 -10.49
CA ALA A 48 5.56 13.29 -9.98
C ALA A 48 4.22 12.58 -9.87
N VAL A 49 3.22 13.27 -9.31
CA VAL A 49 1.88 12.70 -9.15
C VAL A 49 1.30 12.39 -10.54
N THR A 50 1.54 13.28 -11.51
CA THR A 50 1.01 13.09 -12.85
C THR A 50 1.60 11.85 -13.52
N ARG A 51 2.91 11.66 -13.39
CA ARG A 51 3.55 10.56 -14.08
C ARG A 51 3.27 9.23 -13.40
N PHE A 52 3.29 9.22 -12.07
CA PHE A 52 2.85 8.03 -11.32
C PHE A 52 1.44 7.63 -11.70
N ALA A 53 0.56 8.63 -11.73
CA ALA A 53 -0.85 8.40 -12.00
C ALA A 53 -1.02 7.69 -13.31
N ARG A 54 -0.24 8.08 -14.30
CA ARG A 54 -0.26 7.41 -15.58
C ARG A 54 0.12 5.93 -15.51
N ASN A 55 1.13 5.60 -14.73
CA ASN A 55 1.53 4.21 -14.52
C ASN A 55 0.54 3.41 -13.66
N PHE A 56 -0.05 4.04 -12.66
CA PHE A 56 -1.11 3.40 -11.89
C PHE A 56 -2.39 3.15 -12.71
N ALA A 57 -2.70 4.08 -13.62
CA ALA A 57 -3.89 3.96 -14.47
C ALA A 57 -3.87 2.68 -15.30
N ARG A 58 -2.71 2.38 -15.85
CA ARG A 58 -2.50 1.15 -16.60
C ARG A 58 -2.79 -0.10 -15.74
N LEU A 59 -2.25 -0.12 -14.53
CA LEU A 59 -2.53 -1.20 -13.61
C LEU A 59 -4.02 -1.25 -13.26
N ALA A 60 -4.61 -0.08 -12.99
CA ALA A 60 -6.04 0.00 -12.59
C ALA A 60 -6.96 -0.58 -13.64
N GLU A 61 -6.58 -0.46 -14.91
CA GLU A 61 -7.43 -0.93 -16.00
C GLU A 61 -7.38 -2.45 -16.10
N THR A 62 -6.19 -3.04 -15.89
CA THR A 62 -6.01 -4.49 -15.87
C THR A 62 -6.63 -5.08 -14.60
N TYR A 63 -6.41 -4.41 -13.48
CA TYR A 63 -6.94 -4.87 -12.19
C TYR A 63 -8.19 -4.08 -11.78
N ARG A 64 -9.10 -3.92 -12.73
CA ARG A 64 -10.27 -3.08 -12.53
C ARG A 64 -11.09 -3.80 -11.49
N GLY A 65 -11.39 -3.15 -10.39
CA GLY A 65 -12.10 -3.79 -9.33
C GLY A 65 -11.22 -4.73 -8.52
N ARG A 66 -9.91 -4.77 -8.77
CA ARG A 66 -9.01 -5.68 -8.09
C ARG A 66 -7.72 -5.01 -7.62
N MET A 67 -7.83 -3.72 -7.30
CA MET A 67 -6.70 -2.93 -6.89
C MET A 67 -7.13 -1.80 -5.98
N VAL A 68 -6.25 -1.47 -5.03
CA VAL A 68 -6.38 -0.24 -4.25
C VAL A 68 -5.06 0.53 -4.38
N LEU A 69 -5.16 1.87 -4.37
CA LEU A 69 -4.00 2.72 -4.33
C LEU A 69 -3.97 3.34 -2.94
N ILE A 70 -2.83 3.24 -2.29
CA ILE A 70 -2.59 3.75 -0.95
C ILE A 70 -1.52 4.80 -1.07
N SER A 71 -1.80 6.02 -0.67
CA SER A 71 -0.82 7.10 -0.67
C SER A 71 -0.18 7.32 0.68
N GLY A 72 1.13 7.45 0.70
CA GLY A 72 1.80 7.99 1.84
C GLY A 72 1.59 9.51 1.88
N GLY A 73 2.20 10.17 2.85
CA GLY A 73 2.29 11.64 2.80
C GLY A 73 1.11 12.25 3.53
N GLY A 74 1.07 13.58 3.59
CA GLY A 74 0.07 14.27 4.44
C GLY A 74 0.43 14.43 5.94
N ALA A 75 0.72 15.66 6.37
CA ALA A 75 1.20 15.96 7.75
C ALA A 75 0.14 15.86 8.87
N PHE A 76 0.43 15.03 9.88
CA PHE A 76 -0.42 14.81 11.07
C PHE A 76 -1.10 16.05 11.65
N PHE A 90 -6.51 15.56 20.69
CA PHE A 90 -7.39 15.38 19.50
C PHE A 90 -6.88 16.18 18.29
N SER A 91 -5.64 16.67 18.39
CA SER A 91 -4.98 17.40 17.29
C SER A 91 -4.78 16.56 16.00
N LEU A 92 -4.84 15.23 16.13
CA LEU A 92 -5.00 14.28 14.98
C LEU A 92 -6.32 14.34 14.16
N ALA A 93 -7.29 15.14 14.56
CA ALA A 93 -8.30 15.55 13.59
C ALA A 93 -7.53 16.18 12.41
N GLY A 94 -6.44 16.95 12.65
CA GLY A 94 -5.72 17.53 11.54
C GLY A 94 -5.15 16.49 10.59
N LEU A 95 -4.71 15.36 11.15
CA LEU A 95 -4.17 14.27 10.33
C LEU A 95 -5.18 13.73 9.32
N THR A 96 -6.42 13.53 9.76
CA THR A 96 -7.43 12.96 8.86
C THR A 96 -7.70 13.90 7.71
N GLU A 97 -7.65 15.21 7.97
CA GLU A 97 -7.81 16.20 6.91
C GLU A 97 -6.61 16.24 5.94
N ALA A 98 -5.41 16.10 6.50
CA ALA A 98 -4.16 16.14 5.74
C ALA A 98 -4.11 14.92 4.82
N THR A 99 -4.50 13.75 5.32
CA THR A 99 -4.43 12.57 4.47
C THR A 99 -5.61 12.54 3.49
N PHE A 100 -6.72 13.18 3.82
CA PHE A 100 -7.80 13.27 2.86
C PHE A 100 -7.35 14.08 1.63
N GLU A 101 -6.68 15.19 1.90
CA GLU A 101 -6.16 16.04 0.84
C GLU A 101 -5.27 15.24 -0.12
N VAL A 102 -4.32 14.46 0.40
CA VAL A 102 -3.51 13.61 -0.47
C VAL A 102 -4.30 12.63 -1.31
N LYS A 103 -5.28 11.91 -0.69
CA LYS A 103 -6.15 11.06 -1.45
C LYS A 103 -6.84 11.81 -2.58
N LYS A 104 -7.35 12.99 -2.28
CA LYS A 104 -8.08 13.82 -3.25
C LYS A 104 -7.17 14.14 -4.45
N ARG A 105 -5.94 14.49 -4.16
CA ARG A 105 -4.97 14.83 -5.25
C ARG A 105 -4.73 13.67 -6.21
N TRP A 106 -4.54 12.46 -5.67
CA TRP A 106 -4.41 11.28 -6.49
C TRP A 106 -5.69 11.01 -7.23
N ALA A 107 -6.81 11.02 -6.53
CA ALA A 107 -8.11 10.68 -7.17
C ALA A 107 -8.44 11.61 -8.35
N GLU A 108 -8.23 12.89 -8.13
CA GLU A 108 -8.44 13.93 -9.14
C GLU A 108 -7.58 13.70 -10.39
N LYS A 109 -6.30 13.44 -10.16
CA LYS A 109 -5.35 13.18 -11.24
C LYS A 109 -5.75 11.94 -12.02
N LEU A 110 -6.07 10.87 -11.31
CA LEU A 110 -6.48 9.63 -11.95
C LEU A 110 -7.77 9.78 -12.76
N ARG A 111 -8.73 10.54 -12.23
CA ARG A 111 -9.98 10.73 -12.95
C ARG A 111 -9.74 11.57 -14.20
N GLY A 112 -8.79 12.50 -14.13
CA GLY A 112 -8.44 13.29 -15.28
C GLY A 112 -7.93 12.46 -16.45
N ILE A 113 -7.48 11.24 -16.17
CA ILE A 113 -7.02 10.37 -17.24
C ILE A 113 -7.89 9.14 -17.41
N GLY A 114 -9.14 9.21 -17.00
CA GLY A 114 -10.09 8.15 -17.38
C GLY A 114 -10.31 7.03 -16.38
N VAL A 115 -9.72 7.17 -15.19
CA VAL A 115 -9.81 6.15 -14.16
C VAL A 115 -10.83 6.59 -13.13
N ASP A 116 -11.74 5.67 -12.84
CA ASP A 116 -12.78 5.87 -11.85
C ASP A 116 -12.29 5.75 -10.38
N ALA A 117 -11.64 6.81 -9.94
CA ALA A 117 -10.97 6.85 -8.63
C ALA A 117 -11.83 7.58 -7.58
N PHE A 118 -12.00 6.93 -6.41
CA PHE A 118 -12.85 7.43 -5.34
C PHE A 118 -12.05 7.39 -4.03
N PRO A 119 -11.83 8.55 -3.39
CA PRO A 119 -11.02 8.58 -2.14
C PRO A 119 -11.90 8.20 -0.96
N LEU A 120 -11.40 7.37 -0.03
CA LEU A 120 -12.15 6.97 1.14
C LEU A 120 -11.38 7.28 2.40
N GLN A 121 -12.03 7.98 3.31
CA GLN A 121 -11.48 8.32 4.64
C GLN A 121 -11.47 7.08 5.54
N LEU A 122 -10.30 6.50 5.75
CA LEU A 122 -10.19 5.29 6.55
C LEU A 122 -10.81 5.50 7.94
N ALA A 123 -10.64 6.71 8.48
CA ALA A 123 -11.12 7.01 9.81
C ALA A 123 -12.64 6.83 9.96
N ALA A 124 -13.39 6.92 8.86
CA ALA A 124 -14.84 6.86 8.90
C ALA A 124 -15.33 5.41 8.80
N MET A 125 -14.45 4.51 8.37
CA MET A 125 -14.87 3.15 8.04
C MET A 125 -14.06 2.04 8.69
N CYS A 126 -13.23 2.39 9.66
CA CYS A 126 -12.26 1.47 10.27
C CYS A 126 -11.93 1.94 11.70
N THR A 127 -11.98 1.01 12.66
CA THR A 127 -11.55 1.28 14.03
C THR A 127 -10.52 0.19 14.40
N LEU A 128 -9.84 0.41 15.51
CA LEU A 128 -8.88 -0.58 16.05
C LEU A 128 -9.56 -1.37 17.19
N ARG A 129 -9.43 -2.70 17.17
CA ARG A 129 -9.84 -3.56 18.30
C ARG A 129 -8.61 -4.38 18.70
N ASN A 130 -8.05 -4.12 19.87
CA ASN A 130 -6.88 -4.86 20.32
C ASN A 130 -5.80 -4.69 19.27
N GLY A 131 -5.65 -3.45 18.81
CA GLY A 131 -4.61 -3.09 17.86
C GLY A 131 -4.77 -3.54 16.41
N ILE A 132 -5.82 -4.33 16.11
CA ILE A 132 -6.03 -4.84 14.75
C ILE A 132 -7.10 -3.98 14.10
N PRO A 133 -6.84 -3.50 12.87
CA PRO A 133 -7.86 -2.64 12.27
C PRO A 133 -9.07 -3.47 11.95
N GLN A 134 -10.26 -2.91 12.12
CA GLN A 134 -11.46 -3.61 11.74
C GLN A 134 -12.22 -2.72 10.75
N LEU A 135 -12.08 -3.07 9.47
N LEU A 135 -12.39 -3.07 9.47
CA LEU A 135 -12.65 -2.36 8.36
CA LEU A 135 -13.32 -2.28 8.62
C LEU A 135 -14.09 -2.76 8.23
C LEU A 135 -14.72 -2.37 9.21
N ARG A 136 -14.96 -1.77 8.15
N ARG A 136 -15.51 -1.31 9.06
CA ARG A 136 -16.31 -2.03 7.69
CA ARG A 136 -16.81 -1.21 9.73
C ARG A 136 -16.28 -1.88 6.16
C ARG A 136 -17.99 -0.91 8.78
N SER A 137 -16.19 -3.00 5.47
N SER A 137 -17.71 -0.83 7.49
CA SER A 137 -15.67 -3.03 4.11
CA SER A 137 -18.75 -0.65 6.47
C SER A 137 -16.70 -2.84 3.02
C SER A 137 -18.38 -1.41 5.20
N GLU A 138 -17.97 -2.66 3.44
N GLU A 138 -19.33 -1.56 4.27
CA GLU A 138 -19.12 -2.50 2.51
CA GLU A 138 -19.11 -2.35 3.02
C GLU A 138 -18.87 -1.41 1.52
C GLU A 138 -18.80 -1.50 1.76
N VAL A 139 -18.52 -0.21 1.99
CA VAL A 139 -18.24 0.77 0.98
C VAL A 139 -17.00 0.42 0.14
N LEU A 140 -15.91 -0.01 0.74
CA LEU A 140 -14.77 -0.37 -0.07
C LEU A 140 -15.10 -1.44 -1.16
N ARG A 141 -15.88 -2.44 -0.78
CA ARG A 141 -16.33 -3.51 -1.70
C ARG A 141 -17.21 -2.92 -2.80
N ASP A 142 -18.10 -1.99 -2.40
CA ASP A 142 -18.91 -1.29 -3.37
C ASP A 142 -18.13 -0.55 -4.42
N VAL A 143 -17.07 0.13 -4.00
CA VAL A 143 -16.25 0.86 -4.95
C VAL A 143 -15.57 -0.15 -5.89
N LEU A 144 -15.05 -1.24 -5.31
CA LEU A 144 -14.41 -2.35 -6.04
C LEU A 144 -15.42 -3.17 -6.88
N ASP A 145 -16.47 -3.66 -6.20
CA ASP A 145 -17.58 -4.50 -6.82
C ASP A 145 -18.05 -3.99 -8.12
N HIS A 146 -17.93 -2.71 -8.32
CA HIS A 146 -18.45 -2.14 -9.50
C HIS A 146 -17.31 -1.51 -10.30
N GLY A 147 -16.08 -1.98 -10.05
CA GLY A 147 -14.92 -1.70 -10.90
C GLY A 147 -14.22 -0.36 -10.79
N ALA A 148 -14.45 0.39 -9.71
CA ALA A 148 -13.72 1.62 -9.50
C ALA A 148 -12.49 1.36 -8.63
N LEU A 149 -11.65 2.40 -8.52
CA LEU A 149 -10.37 2.38 -7.80
C LEU A 149 -10.44 3.15 -6.49
N PRO A 150 -10.47 2.42 -5.38
CA PRO A 150 -10.36 3.10 -4.11
C PRO A 150 -8.97 3.70 -3.91
N VAL A 151 -8.96 4.93 -3.42
CA VAL A 151 -7.75 5.63 -3.05
C VAL A 151 -7.77 5.82 -1.52
N LEU A 152 -6.76 5.25 -0.87
CA LEU A 152 -6.65 5.18 0.58
C LEU A 152 -5.36 5.83 1.01
N ALA A 153 -5.19 5.92 2.33
CA ALA A 153 -4.05 6.59 2.94
C ALA A 153 -4.09 6.30 4.42
N GLY A 154 -3.01 6.63 5.12
CA GLY A 154 -2.98 6.52 6.56
C GLY A 154 -4.01 7.46 7.13
N ASP A 155 -4.22 7.33 8.44
CA ASP A 155 -5.29 8.11 9.06
C ASP A 155 -5.21 8.05 10.59
N ALA A 156 -6.09 8.81 11.22
CA ALA A 156 -6.36 8.68 12.64
C ALA A 156 -7.53 7.71 12.83
N LEU A 157 -7.35 6.64 13.60
CA LEU A 157 -8.41 5.66 13.84
C LEU A 157 -8.75 5.65 15.35
N PHE A 158 -10.04 5.49 15.64
CA PHE A 158 -10.50 5.25 17.04
C PHE A 158 -10.32 3.77 17.37
N ASP A 159 -10.06 3.44 18.65
CA ASP A 159 -10.05 2.03 19.12
C ASP A 159 -11.32 1.62 19.91
N GLU A 160 -11.35 0.39 20.42
CA GLU A 160 -12.54 -0.13 21.11
C GLU A 160 -12.86 0.55 22.44
N HIS A 161 -11.87 1.13 23.10
CA HIS A 161 -12.14 1.99 24.27
C HIS A 161 -12.18 3.46 23.81
N GLY A 162 -12.38 3.68 22.51
CA GLY A 162 -12.66 5.04 21.99
C GLY A 162 -11.52 6.04 21.89
N LYS A 163 -10.27 5.58 21.99
CA LYS A 163 -9.11 6.46 21.84
C LYS A 163 -8.65 6.55 20.37
N LEU A 164 -8.08 7.70 20.00
CA LEU A 164 -7.63 7.95 18.62
C LEU A 164 -6.14 7.71 18.47
N TRP A 165 -5.75 6.99 17.43
CA TRP A 165 -4.35 6.72 17.15
C TRP A 165 -3.98 7.04 15.74
N ALA A 166 -2.74 7.44 15.54
CA ALA A 166 -2.14 7.60 14.24
C ALA A 166 -1.84 6.21 13.64
N PHE A 167 -2.41 5.92 12.48
CA PHE A 167 -2.31 4.62 11.81
C PHE A 167 -1.61 4.89 10.48
N SER A 168 -0.38 4.42 10.36
CA SER A 168 0.46 4.76 9.20
C SER A 168 -0.07 4.18 7.89
N SER A 169 0.23 4.85 6.79
CA SER A 169 -0.14 4.40 5.45
C SER A 169 0.45 3.04 5.16
N ASP A 170 1.65 2.77 5.71
CA ASP A 170 2.23 1.45 5.56
C ASP A 170 1.43 0.33 6.07
N ARG A 171 0.56 0.57 7.04
CA ARG A 171 -0.21 -0.49 7.64
C ARG A 171 -1.54 -0.67 6.96
N VAL A 172 -1.92 0.24 6.06
CA VAL A 172 -3.19 0.17 5.40
C VAL A 172 -3.45 -1.17 4.65
N PRO A 173 -2.43 -1.78 4.04
CA PRO A 173 -2.72 -3.12 3.46
C PRO A 173 -3.27 -4.12 4.45
N GLU A 174 -2.95 -3.99 5.73
CA GLU A 174 -3.50 -4.93 6.72
C GLU A 174 -4.99 -4.93 6.74
N VAL A 175 -5.60 -3.78 6.41
CA VAL A 175 -7.06 -3.68 6.44
C VAL A 175 -7.77 -4.56 5.39
N LEU A 176 -7.07 -4.89 4.32
CA LEU A 176 -7.58 -5.67 3.23
C LEU A 176 -7.55 -7.16 3.47
N LEU A 177 -6.77 -7.61 4.45
CA LEU A 177 -6.55 -9.04 4.62
C LEU A 177 -7.83 -9.87 4.79
N PRO A 178 -8.76 -9.44 5.66
CA PRO A 178 -9.95 -10.28 5.80
C PRO A 178 -10.82 -10.30 4.54
N MET A 179 -10.72 -9.26 3.74
CA MET A 179 -11.63 -9.05 2.65
C MET A 179 -11.18 -9.74 1.36
N VAL A 180 -9.89 -9.77 1.12
CA VAL A 180 -9.41 -10.18 -0.20
C VAL A 180 -9.25 -11.69 -0.30
N GLU A 181 -10.02 -12.26 -1.23
CA GLU A 181 -9.92 -13.69 -1.48
C GLU A 181 -8.86 -13.86 -2.58
N GLY A 182 -8.25 -15.02 -2.60
CA GLY A 182 -7.25 -15.28 -3.60
C GLY A 182 -5.96 -14.64 -3.21
N ARG A 183 -5.13 -14.40 -4.20
CA ARG A 183 -3.76 -14.02 -4.02
C ARG A 183 -3.61 -12.51 -4.01
N LEU A 184 -3.30 -12.00 -2.83
CA LEU A 184 -3.05 -10.57 -2.62
C LEU A 184 -1.57 -10.32 -2.82
N ARG A 185 -1.28 -9.33 -3.63
CA ARG A 185 0.06 -8.81 -3.78
C ARG A 185 0.09 -7.39 -3.23
N VAL A 186 1.02 -7.16 -2.33
CA VAL A 186 1.21 -5.82 -1.74
C VAL A 186 2.55 -5.32 -2.22
N VAL A 187 2.55 -4.12 -2.77
CA VAL A 187 3.78 -3.49 -3.20
C VAL A 187 3.94 -2.15 -2.53
N THR A 188 5.02 -1.99 -1.76
CA THR A 188 5.33 -0.71 -1.16
C THR A 188 6.51 -0.08 -1.92
N LEU A 189 6.22 1.02 -2.57
CA LEU A 189 7.20 1.81 -3.32
C LEU A 189 7.82 2.85 -2.42
N THR A 190 9.15 2.84 -2.31
CA THR A 190 9.87 3.72 -1.43
C THR A 190 11.15 4.26 -2.13
N ASP A 191 12.05 4.87 -1.36
CA ASP A 191 13.17 5.59 -1.97
C ASP A 191 14.48 4.83 -1.81
N VAL A 192 14.37 3.51 -1.72
CA VAL A 192 15.46 2.61 -1.54
C VAL A 192 15.07 1.36 -2.29
N ASP A 193 16.05 0.54 -2.66
CA ASP A 193 15.77 -0.59 -3.57
C ASP A 193 15.16 -1.77 -2.87
N GLY A 194 15.17 -1.75 -1.53
CA GLY A 194 14.76 -2.90 -0.77
C GLY A 194 15.33 -2.74 0.62
N ILE A 195 15.31 -3.82 1.39
CA ILE A 195 16.03 -3.83 2.66
C ILE A 195 17.50 -4.10 2.38
N VAL A 196 18.34 -3.11 2.65
CA VAL A 196 19.78 -3.25 2.41
C VAL A 196 20.44 -3.84 3.66
N THR A 197 21.30 -4.82 3.46
CA THR A 197 22.16 -5.34 4.52
C THR A 197 23.59 -4.85 4.23
N ASP A 198 24.29 -4.46 5.30
CA ASP A 198 25.54 -3.69 5.19
C ASP A 198 26.73 -4.58 5.49
N GLY A 202 24.58 0.37 2.21
CA GLY A 202 25.48 -0.77 2.39
C GLY A 202 25.50 -1.64 1.15
N ASP A 203 26.50 -2.53 1.06
CA ASP A 203 26.76 -3.35 -0.13
C ASP A 203 25.54 -3.99 -0.85
N THR A 204 24.43 -4.33 -0.14
CA THR A 204 23.49 -5.34 -0.68
C THR A 204 22.04 -5.43 -0.14
N ILE A 205 21.09 -5.77 -1.00
CA ILE A 205 19.72 -5.92 -0.51
C ILE A 205 19.30 -7.38 -0.31
N LEU A 206 18.42 -7.58 0.64
CA LEU A 206 17.83 -8.90 0.93
C LEU A 206 16.76 -9.19 -0.11
N PRO A 207 17.01 -10.12 -1.04
CA PRO A 207 16.01 -10.37 -2.07
C PRO A 207 14.75 -11.07 -1.54
N GLU A 208 14.91 -11.88 -0.51
CA GLU A 208 13.83 -12.66 0.07
C GLU A 208 13.83 -12.71 1.60
N VAL A 209 12.64 -12.55 2.16
CA VAL A 209 12.43 -12.64 3.60
C VAL A 209 11.29 -13.61 3.82
N ASP A 210 11.54 -14.62 4.64
CA ASP A 210 10.52 -15.51 5.12
C ASP A 210 9.86 -14.89 6.34
N ALA A 211 8.59 -14.57 6.19
CA ALA A 211 7.83 -13.91 7.26
C ALA A 211 7.69 -14.73 8.53
N ARG A 212 7.84 -16.05 8.42
CA ARG A 212 7.80 -16.89 9.62
C ARG A 212 9.07 -16.73 10.48
N SER A 213 10.20 -16.43 9.85
CA SER A 213 11.46 -16.14 10.55
C SER A 213 12.19 -15.00 9.89
N PRO A 214 11.73 -13.76 10.15
CA PRO A 214 12.31 -12.57 9.52
C PRO A 214 13.43 -11.88 10.36
N GLU A 215 14.19 -12.64 11.15
CA GLU A 215 15.20 -12.05 12.08
C GLU A 215 16.26 -11.22 11.36
N GLN A 216 16.75 -11.78 10.27
CA GLN A 216 17.78 -11.16 9.47
C GLN A 216 17.33 -9.82 8.96
N ALA A 217 16.06 -9.71 8.57
CA ALA A 217 15.56 -8.45 8.04
C ALA A 217 15.51 -7.41 9.13
N TYR A 218 14.98 -7.75 10.31
CA TYR A 218 14.94 -6.77 11.41
C TYR A 218 16.35 -6.36 11.82
N ALA A 219 17.23 -7.33 11.83
CA ALA A 219 18.62 -7.08 12.21
C ALA A 219 19.28 -6.10 11.23
N ALA A 220 18.82 -6.01 9.98
CA ALA A 220 19.45 -5.12 8.99
C ALA A 220 19.03 -3.67 9.14
N LEU A 221 17.90 -3.41 9.81
CA LEU A 221 17.39 -2.05 9.85
C LEU A 221 18.24 -1.11 10.71
N TRP A 222 18.31 0.14 10.27
CA TRP A 222 18.89 1.23 11.05
C TRP A 222 17.81 2.29 11.29
N GLY A 231 9.41 3.02 13.64
CA GLY A 231 10.44 3.63 12.75
C GLY A 231 10.02 3.39 11.30
N ALA A 232 10.61 4.14 10.38
CA ALA A 232 10.32 4.13 8.94
C ALA A 232 10.25 2.74 8.29
N MET A 233 11.42 2.20 7.97
CA MET A 233 11.46 0.89 7.37
C MET A 233 10.95 -0.19 8.33
N HIS A 234 11.11 0.02 9.63
CA HIS A 234 10.58 -0.92 10.62
C HIS A 234 9.05 -1.06 10.48
N THR A 235 8.35 0.04 10.27
CA THR A 235 6.90 0.04 10.12
C THR A 235 6.48 -0.74 8.87
N LYS A 236 7.25 -0.58 7.79
CA LYS A 236 6.95 -1.27 6.53
C LYS A 236 7.15 -2.73 6.71
N LEU A 237 8.25 -3.09 7.34
CA LEU A 237 8.53 -4.48 7.60
C LEU A 237 7.49 -5.15 8.52
N ASP A 238 7.09 -4.53 9.63
CA ASP A 238 6.05 -5.14 10.49
C ASP A 238 4.79 -5.37 9.68
N ALA A 239 4.44 -4.38 8.88
CA ALA A 239 3.17 -4.40 8.18
C ALA A 239 3.17 -5.51 7.17
N LEU A 240 4.24 -5.57 6.40
CA LEU A 240 4.35 -6.60 5.36
C LEU A 240 4.57 -8.04 5.86
N VAL A 241 5.29 -8.20 6.96
CA VAL A 241 5.29 -9.51 7.62
C VAL A 241 3.90 -9.97 8.06
N THR A 242 3.10 -9.08 8.65
CA THR A 242 1.71 -9.38 9.02
C THR A 242 0.88 -9.83 7.83
N CYS A 243 1.00 -9.11 6.72
CA CYS A 243 0.23 -9.45 5.53
C CYS A 243 0.70 -10.77 4.95
N ALA A 244 2.02 -10.97 4.90
CA ALA A 244 2.60 -12.24 4.38
C ALA A 244 2.17 -13.41 5.22
N ARG A 245 2.08 -13.23 6.53
CA ARG A 245 1.56 -14.33 7.35
C ARG A 245 0.15 -14.77 7.00
N ARG A 246 -0.63 -13.86 6.40
CA ARG A 246 -1.96 -14.19 5.95
C ARG A 246 -1.96 -14.49 4.47
N GLY A 247 -0.80 -14.81 3.93
CA GLY A 247 -0.70 -15.35 2.58
C GLY A 247 -0.35 -14.38 1.50
N ALA A 248 -0.30 -13.07 1.81
CA ALA A 248 0.04 -12.07 0.78
C ALA A 248 1.49 -12.21 0.29
N GLU A 249 1.73 -11.89 -0.98
CA GLU A 249 3.12 -11.76 -1.50
C GLU A 249 3.42 -10.27 -1.46
N CYS A 250 4.44 -9.91 -0.69
CA CYS A 250 4.73 -8.51 -0.39
C CYS A 250 6.10 -8.12 -0.93
N PHE A 251 6.23 -6.85 -1.31
CA PHE A 251 7.46 -6.30 -1.85
C PHE A 251 7.75 -4.93 -1.28
N ILE A 252 9.03 -4.70 -0.94
CA ILE A 252 9.58 -3.36 -0.76
C ILE A 252 10.54 -3.12 -1.92
N MET A 253 10.30 -2.05 -2.68
CA MET A 253 11.13 -1.75 -3.83
C MET A 253 11.09 -0.27 -4.11
N ARG A 254 11.94 0.14 -5.05
CA ARG A 254 12.09 1.55 -5.34
C ARG A 254 11.01 2.00 -6.30
N GLY A 255 10.40 3.14 -6.00
CA GLY A 255 9.45 3.74 -6.90
C GLY A 255 10.16 4.82 -7.70
N ASP A 256 9.62 5.09 -8.89
CA ASP A 256 10.10 6.16 -9.76
C ASP A 256 8.94 6.61 -10.60
N PRO A 257 8.63 7.94 -10.58
CA PRO A 257 7.45 8.39 -11.30
C PRO A 257 7.37 7.88 -12.73
N GLY A 258 8.50 7.83 -13.40
CA GLY A 258 8.54 7.39 -14.78
C GLY A 258 8.43 5.90 -15.06
N SER A 259 8.66 5.05 -14.05
CA SER A 259 8.84 3.61 -14.31
C SER A 259 7.54 2.90 -14.67
N ASP A 260 7.60 2.06 -15.69
CA ASP A 260 6.46 1.27 -16.09
C ASP A 260 6.28 0.21 -15.00
N LEU A 261 5.04 -0.02 -14.62
CA LEU A 261 4.78 -0.95 -13.50
C LEU A 261 4.01 -2.17 -13.94
N GLU A 262 3.91 -2.39 -15.25
CA GLU A 262 3.06 -3.51 -15.72
C GLU A 262 3.50 -4.87 -15.27
N PHE A 263 4.79 -5.04 -15.05
CA PHE A 263 5.26 -6.30 -14.50
C PHE A 263 4.63 -6.62 -13.14
N LEU A 264 4.03 -5.62 -12.46
CA LEU A 264 3.37 -5.92 -11.18
C LEU A 264 2.09 -6.75 -11.32
N THR A 265 1.58 -6.91 -12.54
CA THR A 265 0.43 -7.75 -12.85
C THR A 265 0.86 -9.22 -13.07
N ALA A 266 2.16 -9.44 -13.15
CA ALA A 266 2.70 -10.71 -13.61
C ALA A 266 3.30 -11.55 -12.50
N PRO A 267 3.39 -12.88 -12.71
CA PRO A 267 4.07 -13.76 -11.77
C PRO A 267 5.47 -13.27 -11.49
N PHE A 268 5.91 -13.36 -10.24
CA PHE A 268 7.25 -12.92 -9.85
C PHE A 268 8.32 -13.51 -10.74
N SER A 269 8.13 -14.79 -11.10
CA SER A 269 9.13 -15.54 -11.92
C SER A 269 9.35 -14.94 -13.30
N SER A 270 8.43 -14.13 -13.77
CA SER A 270 8.55 -13.57 -15.08
C SER A 270 8.98 -12.12 -15.07
N TRP A 271 9.35 -11.57 -13.90
CA TRP A 271 9.78 -10.20 -13.82
C TRP A 271 11.05 -9.97 -14.63
N PRO A 272 11.19 -8.76 -15.21
CA PRO A 272 12.44 -8.39 -15.88
C PRO A 272 13.68 -8.60 -15.00
N ALA A 273 14.78 -8.96 -15.64
CA ALA A 273 16.05 -9.11 -14.93
C ALA A 273 16.44 -7.78 -14.32
N HIS A 274 17.24 -7.83 -13.27
CA HIS A 274 17.75 -6.60 -12.63
C HIS A 274 16.65 -5.68 -12.10
N VAL A 275 15.51 -6.23 -11.69
CA VAL A 275 14.58 -5.47 -10.84
C VAL A 275 15.03 -5.80 -9.44
N ARG A 276 15.26 -4.79 -8.63
CA ARG A 276 15.64 -5.04 -7.27
C ARG A 276 14.38 -4.92 -6.41
N SER A 277 14.33 -5.78 -5.41
CA SER A 277 13.23 -5.73 -4.45
C SER A 277 13.58 -6.64 -3.30
N THR A 278 12.93 -6.40 -2.17
CA THR A 278 12.87 -7.34 -1.11
C THR A 278 11.46 -7.93 -1.11
N ARG A 279 11.40 -9.24 -1.26
CA ARG A 279 10.14 -9.98 -1.37
C ARG A 279 9.92 -10.76 -0.11
N ILE A 280 8.72 -10.58 0.45
CA ILE A 280 8.38 -11.10 1.76
C ILE A 280 7.21 -12.01 1.61
N THR A 281 7.43 -13.28 1.94
CA THR A 281 6.39 -14.27 1.81
C THR A 281 6.53 -15.25 2.96
N THR A 282 5.54 -16.10 3.06
CA THR A 282 5.56 -17.10 4.05
C THR A 282 6.01 -18.39 3.40
#